data_7RH2
#
_entry.id   7RH2
#
_cell.length_a   114.874
_cell.length_b   114.874
_cell.length_c   154.788
_cell.angle_alpha   90.000
_cell.angle_beta   90.000
_cell.angle_gamma   120.000
#
_symmetry.space_group_name_H-M   'P 31 2 1'
#
loop_
_entity.id
_entity.type
_entity.pdbx_description
1 polymer 'ICSAT transcription factor'
2 polymer "DNA (5'-D(*CP*AP*AP*CP*TP*GP*AP*AP*AP*CP*CP*GP*AP*GP*AP*AP*AP*GP*C)-3')"
3 polymer "DNA (5'-D(*GP*CP*TP*TP*TP*CP*TP*CP*GP*GP*TP*TP*TP*CP*AP*GP*TP*TP*G)-3')"
4 water water
#
loop_
_entity_poly.entity_id
_entity_poly.type
_entity_poly.pdbx_seq_one_letter_code
_entity_poly.pdbx_strand_id
1 'polypeptide(L)'
;GSNGKLRQWLIDQIDSGKYPGLVWENEEKSIFRIPWKHAGRQDYNREEDAALFKAWALFKGKFREGIDKPDPPTWKTRLR
CALNKSNDFEELVERSQLDISDPYKVYRIVP
;
A,B,G,H
2 'polydeoxyribonucleotide' (DC)(DA)(DA)(DC)(DT)(DG)(DA)(DA)(DA)(DC)(DC)(DG)(DA)(DG)(DA)(DA)(DA)(DG)(DC) C,D
3 'polydeoxyribonucleotide' (DG)(DC)(DT)(DT)(DT)(DC)(DT)(DC)(DG)(DG)(DT)(DT)(DT)(DC)(DA)(DG)(DT)(DT)(DG) E,F
#
loop_
_chem_comp.id
_chem_comp.type
_chem_comp.name
_chem_comp.formula
DA DNA linking 2'-DEOXYADENOSINE-5'-MONOPHOSPHATE 'C10 H14 N5 O6 P'
DC DNA linking 2'-DEOXYCYTIDINE-5'-MONOPHOSPHATE 'C9 H14 N3 O7 P'
DG DNA linking 2'-DEOXYGUANOSINE-5'-MONOPHOSPHATE 'C10 H14 N5 O7 P'
DT DNA linking THYMIDINE-5'-MONOPHOSPHATE 'C10 H15 N2 O8 P'
#
# COMPACT_ATOMS: atom_id res chain seq x y z
N GLY A 4 -48.77 -21.62 11.60
CA GLY A 4 -47.66 -20.75 11.94
C GLY A 4 -48.10 -19.41 12.51
N LYS A 5 -47.13 -18.55 12.80
CA LYS A 5 -47.40 -17.22 13.35
C LYS A 5 -46.68 -16.16 12.53
N LEU A 6 -45.55 -16.53 11.91
CA LEU A 6 -44.68 -15.54 11.28
C LEU A 6 -45.33 -14.92 10.04
N ARG A 7 -46.05 -15.72 9.25
CA ARG A 7 -46.60 -15.21 8.00
C ARG A 7 -47.44 -13.95 8.21
N GLN A 8 -48.49 -14.05 9.01
CA GLN A 8 -49.37 -12.90 9.19
C GLN A 8 -48.68 -11.77 9.95
N TRP A 9 -47.75 -12.12 10.84
CA TRP A 9 -47.07 -11.10 11.62
C TRP A 9 -46.25 -10.18 10.72
N LEU A 10 -45.45 -10.77 9.83
CA LEU A 10 -44.60 -9.95 8.98
C LEU A 10 -45.42 -9.13 7.99
N ILE A 11 -46.52 -9.70 7.48
CA ILE A 11 -47.41 -8.94 6.62
C ILE A 11 -47.92 -7.71 7.36
N ASP A 12 -48.29 -7.87 8.63
CA ASP A 12 -48.73 -6.72 9.43
C ASP A 12 -47.61 -5.70 9.58
N GLN A 13 -46.38 -6.17 9.77
CA GLN A 13 -45.27 -5.23 9.95
C GLN A 13 -45.02 -4.42 8.68
N ILE A 14 -45.02 -5.07 7.52
CA ILE A 14 -44.85 -4.34 6.27
C ILE A 14 -46.01 -3.38 6.06
N ASP A 15 -47.24 -3.88 6.21
CA ASP A 15 -48.41 -3.03 6.03
C ASP A 15 -48.38 -1.84 6.97
N SER A 16 -47.85 -2.01 8.17
CA SER A 16 -47.91 -0.97 9.18
C SER A 16 -47.15 0.29 8.77
N GLY A 17 -46.10 0.14 7.96
CA GLY A 17 -45.23 1.26 7.67
C GLY A 17 -44.40 1.73 8.84
N LYS A 18 -44.29 0.92 9.90
CA LYS A 18 -43.56 1.32 11.09
C LYS A 18 -42.04 1.18 10.95
N TYR A 19 -41.56 0.45 9.97
CA TYR A 19 -40.14 0.14 9.86
C TYR A 19 -39.57 0.67 8.55
N PRO A 20 -38.73 1.71 8.58
CA PRO A 20 -38.21 2.24 7.32
C PRO A 20 -37.51 1.15 6.53
N GLY A 21 -37.82 1.09 5.23
CA GLY A 21 -37.25 0.10 4.35
C GLY A 21 -37.99 -1.21 4.26
N LEU A 22 -38.93 -1.48 5.16
CA LEU A 22 -39.73 -2.70 5.10
C LEU A 22 -40.97 -2.32 4.30
N VAL A 23 -40.92 -2.56 2.99
CA VAL A 23 -41.92 -2.02 2.08
C VAL A 23 -42.27 -3.04 1.01
N TRP A 24 -43.48 -2.92 0.49
CA TRP A 24 -43.92 -3.70 -0.66
C TRP A 24 -43.26 -3.22 -1.94
N GLU A 25 -43.02 -4.17 -2.85
CA GLU A 25 -42.46 -3.83 -4.15
C GLU A 25 -43.48 -3.83 -5.28
N ASN A 26 -44.68 -4.39 -5.07
CA ASN A 26 -45.67 -4.44 -6.14
C ASN A 26 -47.06 -4.16 -5.59
N GLU A 27 -47.97 -3.87 -6.52
CA GLU A 27 -49.35 -3.55 -6.15
C GLU A 27 -50.03 -4.73 -5.47
N GLU A 28 -49.78 -5.96 -5.95
CA GLU A 28 -50.46 -7.12 -5.38
C GLU A 28 -49.98 -7.48 -3.98
N LYS A 29 -49.04 -6.72 -3.41
CA LYS A 29 -48.56 -6.93 -2.04
C LYS A 29 -48.12 -8.39 -1.84
N SER A 30 -47.28 -8.87 -2.76
CA SER A 30 -46.74 -10.22 -2.69
C SER A 30 -45.22 -10.26 -2.64
N ILE A 31 -44.54 -9.15 -2.91
CA ILE A 31 -43.08 -9.10 -2.92
C ILE A 31 -42.66 -7.90 -2.08
N PHE A 32 -41.69 -8.10 -1.20
CA PHE A 32 -41.26 -7.04 -0.30
C PHE A 32 -39.77 -7.05 -0.10
N ARG A 33 -39.26 -5.89 0.27
CA ARG A 33 -37.87 -5.68 0.68
C ARG A 33 -37.79 -5.68 2.20
N ILE A 34 -36.74 -6.28 2.73
CA ILE A 34 -36.47 -6.21 4.16
C ILE A 34 -35.02 -5.73 4.31
N PRO A 35 -34.79 -4.55 4.89
CA PRO A 35 -33.40 -4.07 5.06
C PRO A 35 -32.56 -5.11 5.77
N TRP A 36 -31.29 -5.19 5.38
CA TRP A 36 -30.42 -6.23 5.88
C TRP A 36 -28.98 -5.69 5.90
N LYS A 37 -28.69 -4.90 6.92
CA LYS A 37 -27.38 -4.29 7.12
C LYS A 37 -26.61 -4.94 8.25
N HIS A 38 -25.31 -5.15 8.03
CA HIS A 38 -24.41 -5.61 9.07
C HIS A 38 -24.29 -4.54 10.16
N ALA A 39 -24.37 -4.97 11.42
CA ALA A 39 -24.23 -4.06 12.54
C ALA A 39 -22.80 -3.52 12.64
N GLY A 40 -22.67 -2.38 13.32
CA GLY A 40 -21.38 -1.84 13.68
C GLY A 40 -20.95 -2.40 15.03
N ARG A 41 -19.90 -1.82 15.59
CA ARG A 41 -19.44 -2.29 16.90
C ARG A 41 -20.44 -1.83 17.95
N GLN A 42 -21.29 -2.76 18.39
CA GLN A 42 -22.41 -2.48 19.29
C GLN A 42 -23.21 -1.26 18.82
N ASP A 43 -23.15 -0.96 17.52
CA ASP A 43 -23.93 0.10 16.87
C ASP A 43 -24.92 -0.58 15.92
N TYR A 44 -26.13 -0.86 16.41
CA TYR A 44 -27.17 -1.50 15.60
C TYR A 44 -28.20 -0.49 15.10
N ASN A 45 -27.94 0.80 15.27
CA ASN A 45 -28.85 1.84 14.79
C ASN A 45 -28.65 2.13 13.31
N ARG A 46 -27.51 1.72 12.75
CA ARG A 46 -27.31 1.87 11.32
C ARG A 46 -28.21 0.91 10.56
N GLU A 47 -28.57 -0.19 11.20
CA GLU A 47 -29.64 -1.07 10.72
C GLU A 47 -30.96 -0.31 10.83
N GLU A 48 -31.59 0.01 9.69
CA GLU A 48 -32.78 0.85 9.75
C GLU A 48 -33.99 0.09 10.24
N ASP A 49 -33.97 -1.24 10.12
CA ASP A 49 -35.03 -2.11 10.62
C ASP A 49 -34.64 -2.84 11.91
N ALA A 50 -33.57 -2.42 12.60
CA ALA A 50 -33.22 -3.05 13.87
C ALA A 50 -34.43 -3.21 14.78
N ALA A 51 -35.42 -2.31 14.66
CA ALA A 51 -36.62 -2.39 15.49
C ALA A 51 -37.39 -3.66 15.16
N LEU A 52 -37.38 -4.07 13.89
CA LEU A 52 -38.12 -5.24 13.47
C LEU A 52 -37.60 -6.52 14.13
N PHE A 53 -36.29 -6.64 14.29
CA PHE A 53 -35.76 -7.83 14.97
C PHE A 53 -36.18 -7.85 16.43
N LYS A 54 -36.14 -6.69 17.10
CA LYS A 54 -36.64 -6.62 18.47
C LYS A 54 -38.12 -6.95 18.54
N ALA A 55 -38.89 -6.56 17.51
CA ALA A 55 -40.32 -6.79 17.55
C ALA A 55 -40.66 -8.28 17.49
N TRP A 56 -39.91 -9.05 16.68
CA TRP A 56 -40.17 -10.49 16.62
C TRP A 56 -39.87 -11.16 17.95
N ALA A 57 -38.78 -10.75 18.61
CA ALA A 57 -38.43 -11.33 19.89
C ALA A 57 -39.44 -10.99 20.98
N LEU A 58 -40.05 -9.80 20.91
CA LEU A 58 -41.10 -9.47 21.87
C LEU A 58 -42.39 -10.23 21.56
N PHE A 59 -42.78 -10.25 20.29
CA PHE A 59 -44.02 -10.90 19.91
C PHE A 59 -44.03 -12.36 20.36
N LYS A 60 -42.91 -13.05 20.19
CA LYS A 60 -42.82 -14.46 20.53
C LYS A 60 -42.44 -14.69 21.99
N GLY A 61 -42.33 -13.62 22.78
CA GLY A 61 -42.00 -13.77 24.19
C GLY A 61 -40.56 -14.13 24.43
N LYS A 62 -39.72 -14.09 23.40
CA LYS A 62 -38.33 -14.47 23.54
C LYS A 62 -37.52 -13.41 24.29
N PHE A 63 -37.89 -12.14 24.13
CA PHE A 63 -37.29 -11.07 24.92
C PHE A 63 -38.40 -10.43 25.74
N ARG A 64 -38.14 -10.40 27.03
CA ARG A 64 -38.97 -9.70 28.06
C ARG A 64 -38.21 -8.48 28.55
N GLU A 65 -38.71 -7.27 28.24
CA GLU A 65 -37.98 -6.08 28.69
C GLU A 65 -37.83 -6.04 30.20
N GLY A 66 -36.61 -5.80 30.68
CA GLY A 66 -36.36 -5.69 32.12
C GLY A 66 -36.00 -7.02 32.75
N ILE A 67 -36.21 -8.13 32.06
CA ILE A 67 -35.85 -9.44 32.54
C ILE A 67 -34.65 -10.00 31.80
N ASP A 68 -34.70 -10.00 30.47
CA ASP A 68 -33.66 -10.59 29.65
C ASP A 68 -32.65 -9.53 29.23
N LYS A 69 -31.45 -9.99 28.93
CA LYS A 69 -30.45 -9.07 28.41
C LYS A 69 -30.77 -8.79 26.94
N PRO A 70 -30.77 -7.53 26.52
CA PRO A 70 -30.94 -7.26 25.08
C PRO A 70 -29.84 -7.96 24.30
N ASP A 71 -30.23 -8.64 23.22
CA ASP A 71 -29.29 -9.40 22.39
C ASP A 71 -29.67 -9.29 20.92
N PRO A 72 -29.43 -8.13 20.31
CA PRO A 72 -29.88 -7.90 18.93
C PRO A 72 -29.27 -8.89 17.94
N PRO A 73 -27.96 -9.18 18.07
CA PRO A 73 -27.39 -10.16 17.11
C PRO A 73 -28.18 -11.44 17.09
N THR A 74 -28.57 -11.92 18.27
CA THR A 74 -29.43 -13.11 18.34
C THR A 74 -30.79 -12.84 17.71
N TRP A 75 -31.37 -11.65 17.96
CA TRP A 75 -32.67 -11.35 17.38
C TRP A 75 -32.62 -11.46 15.86
N LYS A 76 -31.54 -10.99 15.26
CA LYS A 76 -31.36 -11.09 13.82
C LYS A 76 -31.37 -12.55 13.37
N THR A 77 -30.60 -13.40 14.05
CA THR A 77 -30.51 -14.80 13.61
C THR A 77 -31.88 -15.48 13.64
N ARG A 78 -32.69 -15.20 14.66
CA ARG A 78 -33.99 -15.85 14.76
C ARG A 78 -34.82 -15.57 13.52
N LEU A 79 -34.96 -14.30 13.14
CA LEU A 79 -35.80 -13.97 11.99
C LEU A 79 -35.18 -14.50 10.71
N ARG A 80 -33.85 -14.44 10.59
CA ARG A 80 -33.18 -14.98 9.41
C ARG A 80 -33.47 -16.47 9.28
N CYS A 81 -33.27 -17.23 10.36
CA CYS A 81 -33.46 -18.67 10.30
C CYS A 81 -34.94 -19.02 10.11
N ALA A 82 -35.84 -18.24 10.72
CA ALA A 82 -37.26 -18.49 10.52
C ALA A 82 -37.64 -18.28 9.06
N LEU A 83 -37.12 -17.22 8.44
CA LEU A 83 -37.42 -16.99 7.03
C LEU A 83 -36.88 -18.11 6.15
N ASN A 84 -35.67 -18.59 6.44
CA ASN A 84 -35.07 -19.65 5.62
C ASN A 84 -35.93 -20.91 5.64
N LYS A 85 -36.33 -21.35 6.82
CA LYS A 85 -37.06 -22.60 6.95
C LYS A 85 -38.51 -22.45 6.52
N SER A 86 -39.05 -21.23 6.64
CA SER A 86 -40.46 -21.01 6.36
C SER A 86 -40.77 -21.31 4.90
N ASN A 87 -41.86 -22.03 4.68
CA ASN A 87 -42.41 -22.26 3.36
C ASN A 87 -43.34 -21.14 2.90
N ASP A 88 -43.59 -20.14 3.74
CA ASP A 88 -44.43 -19.02 3.36
C ASP A 88 -43.66 -17.84 2.76
N PHE A 89 -42.35 -17.75 2.96
CA PHE A 89 -41.55 -16.63 2.43
C PHE A 89 -40.38 -17.24 1.68
N GLU A 90 -40.14 -16.71 0.48
CA GLU A 90 -39.20 -17.38 -0.41
C GLU A 90 -38.34 -16.29 -1.04
N GLU A 91 -37.03 -16.36 -0.84
CA GLU A 91 -36.16 -15.27 -1.26
C GLU A 91 -35.99 -15.26 -2.77
N LEU A 92 -36.16 -14.07 -3.36
CA LEU A 92 -35.84 -13.81 -4.76
C LEU A 92 -34.39 -13.36 -4.80
N VAL A 93 -33.49 -14.35 -4.82
CA VAL A 93 -32.07 -14.05 -4.65
C VAL A 93 -31.57 -13.16 -5.78
N GLU A 94 -32.11 -13.34 -6.98
CA GLU A 94 -31.70 -12.54 -8.11
C GLU A 94 -32.08 -11.07 -7.98
N ARG A 95 -32.95 -10.73 -7.02
CA ARG A 95 -33.32 -9.35 -6.78
C ARG A 95 -32.73 -8.76 -5.51
N SER A 96 -32.33 -9.59 -4.55
CA SER A 96 -31.75 -9.07 -3.31
C SER A 96 -30.52 -8.23 -3.62
N GLN A 97 -30.25 -7.27 -2.72
CA GLN A 97 -29.18 -6.28 -2.91
C GLN A 97 -28.46 -6.11 -1.57
N LEU A 98 -27.43 -6.92 -1.35
CA LEU A 98 -26.71 -6.92 -0.08
C LEU A 98 -25.50 -6.02 -0.08
N ASP A 99 -25.10 -5.51 -1.24
CA ASP A 99 -23.85 -4.78 -1.41
C ASP A 99 -24.03 -3.29 -1.57
N ILE A 100 -25.24 -2.78 -1.36
CA ILE A 100 -25.47 -1.35 -1.55
C ILE A 100 -25.42 -0.60 -0.24
N SER A 101 -25.61 0.72 -0.32
CA SER A 101 -25.48 1.54 0.87
C SER A 101 -26.68 1.40 1.80
N ASP A 102 -27.87 1.15 1.25
CA ASP A 102 -29.06 0.80 2.04
C ASP A 102 -29.51 -0.61 1.67
N PRO A 103 -28.77 -1.62 2.09
CA PRO A 103 -29.01 -2.99 1.57
C PRO A 103 -30.29 -3.62 2.09
N TYR A 104 -30.76 -4.61 1.34
CA TYR A 104 -32.01 -5.29 1.64
C TYR A 104 -32.07 -6.63 0.92
N LYS A 105 -32.92 -7.51 1.43
CA LYS A 105 -33.28 -8.77 0.78
C LYS A 105 -34.70 -8.66 0.24
N VAL A 106 -35.00 -9.47 -0.77
CA VAL A 106 -36.29 -9.47 -1.46
C VAL A 106 -36.94 -10.84 -1.30
N TYR A 107 -38.22 -10.85 -0.91
CA TYR A 107 -38.94 -12.09 -0.66
C TYR A 107 -40.29 -12.08 -1.41
N ARG A 108 -40.70 -13.25 -1.94
CA ARG A 108 -42.04 -13.37 -2.47
C ARG A 108 -42.84 -14.16 -1.41
N ILE A 109 -44.13 -13.85 -1.27
CA ILE A 109 -45.00 -14.52 -0.31
C ILE A 109 -45.76 -15.62 -1.05
N VAL A 110 -45.68 -16.83 -0.52
CA VAL A 110 -46.28 -17.99 -1.21
C VAL A 110 -47.77 -18.04 -0.91
N PRO A 111 -48.63 -18.26 -1.92
CA PRO A 111 -50.08 -18.26 -1.66
C PRO A 111 -50.59 -19.53 -0.98
N ASN B 3 -18.95 -33.12 12.65
CA ASN B 3 -19.22 -32.08 11.65
C ASN B 3 -18.05 -31.17 11.34
N GLY B 4 -17.13 -31.00 12.29
CA GLY B 4 -16.00 -30.15 12.02
C GLY B 4 -15.05 -30.79 11.02
N LYS B 5 -14.16 -29.97 10.49
CA LYS B 5 -13.19 -30.42 9.49
C LYS B 5 -11.78 -29.91 9.75
N LEU B 6 -11.61 -28.78 10.42
CA LEU B 6 -10.29 -28.14 10.48
C LEU B 6 -9.28 -29.00 11.23
N ARG B 7 -9.70 -29.61 12.34
CA ARG B 7 -8.76 -30.40 13.14
C ARG B 7 -8.08 -31.45 12.28
N GLN B 8 -8.87 -32.34 11.68
CA GLN B 8 -8.27 -33.43 10.89
C GLN B 8 -7.63 -32.90 9.61
N TRP B 9 -8.15 -31.82 9.03
CA TRP B 9 -7.57 -31.31 7.79
C TRP B 9 -6.16 -30.80 8.04
N LEU B 10 -5.97 -29.97 9.06
CA LEU B 10 -4.65 -29.42 9.31
C LEU B 10 -3.67 -30.49 9.76
N ILE B 11 -4.13 -31.47 10.54
CA ILE B 11 -3.27 -32.58 10.91
C ILE B 11 -2.75 -33.28 9.64
N ASP B 12 -3.64 -33.50 8.68
CA ASP B 12 -3.26 -34.14 7.43
C ASP B 12 -2.27 -33.30 6.64
N GLN B 13 -2.45 -31.98 6.63
CA GLN B 13 -1.53 -31.13 5.88
C GLN B 13 -0.13 -31.19 6.47
N ILE B 14 -0.03 -31.11 7.80
CA ILE B 14 1.28 -31.22 8.45
C ILE B 14 1.93 -32.56 8.11
N ASP B 15 1.17 -33.64 8.27
CA ASP B 15 1.69 -34.97 7.95
C ASP B 15 2.13 -35.07 6.50
N SER B 16 1.46 -34.36 5.59
CA SER B 16 1.72 -34.52 4.15
C SER B 16 3.15 -34.16 3.77
N GLY B 17 3.78 -33.26 4.51
CA GLY B 17 5.07 -32.74 4.12
C GLY B 17 5.07 -31.84 2.90
N LYS B 18 3.89 -31.41 2.43
CA LYS B 18 3.82 -30.58 1.23
C LYS B 18 4.17 -29.12 1.50
N TYR B 19 4.20 -28.71 2.76
CA TYR B 19 4.36 -27.30 3.14
C TYR B 19 5.63 -27.18 3.96
N PRO B 20 6.69 -26.57 3.43
CA PRO B 20 8.01 -26.67 4.11
C PRO B 20 8.07 -26.28 5.57
N GLY B 21 7.54 -25.14 5.95
CA GLY B 21 7.70 -24.74 7.35
C GLY B 21 6.72 -25.35 8.32
N LEU B 22 5.73 -26.07 7.82
CA LEU B 22 4.64 -26.61 8.63
C LEU B 22 5.00 -28.01 9.13
N VAL B 23 5.49 -28.07 10.37
CA VAL B 23 6.09 -29.29 10.90
C VAL B 23 5.69 -29.50 12.35
N TRP B 24 5.69 -30.77 12.77
CA TRP B 24 5.53 -31.10 14.17
C TRP B 24 6.76 -30.68 14.95
N GLU B 25 6.55 -30.23 16.18
CA GLU B 25 7.65 -29.86 17.06
C GLU B 25 7.88 -30.84 18.21
N ASN B 26 7.01 -31.83 18.42
CA ASN B 26 7.24 -32.84 19.43
C ASN B 26 6.86 -34.21 18.88
N GLU B 27 7.36 -35.26 19.53
CA GLU B 27 7.10 -36.63 19.07
C GLU B 27 5.62 -36.95 19.11
N GLU B 28 4.92 -36.45 20.12
CA GLU B 28 3.51 -36.78 20.34
C GLU B 28 2.58 -36.18 19.28
N LYS B 29 3.10 -35.42 18.32
CA LYS B 29 2.27 -34.82 17.27
C LYS B 29 1.11 -34.03 17.88
N SER B 30 1.45 -33.21 18.89
CA SER B 30 0.47 -32.37 19.57
C SER B 30 0.80 -30.88 19.52
N ILE B 31 1.99 -30.50 19.07
CA ILE B 31 2.40 -29.12 18.93
C ILE B 31 3.03 -28.97 17.57
N PHE B 32 2.68 -27.89 16.84
CA PHE B 32 3.21 -27.72 15.49
C PHE B 32 3.53 -26.25 15.21
N ARG B 33 4.44 -26.07 14.27
CA ARG B 33 4.84 -24.78 13.72
C ARG B 33 4.09 -24.52 12.43
N ILE B 34 3.66 -23.26 12.23
CA ILE B 34 3.03 -22.87 11.00
C ILE B 34 3.68 -21.58 10.47
N PRO B 35 4.32 -21.60 9.31
CA PRO B 35 4.93 -20.37 8.78
C PRO B 35 3.91 -19.25 8.71
N TRP B 36 4.38 -18.02 8.93
CA TRP B 36 3.47 -16.89 9.01
C TRP B 36 4.23 -15.68 8.48
N LYS B 37 4.35 -15.61 7.16
CA LYS B 37 5.10 -14.56 6.51
C LYS B 37 4.17 -13.47 6.01
N HIS B 38 4.55 -12.22 6.25
CA HIS B 38 3.83 -11.07 5.74
C HIS B 38 3.97 -11.00 4.23
N ALA B 39 2.84 -10.87 3.53
CA ALA B 39 2.90 -10.67 2.10
C ALA B 39 3.53 -9.32 1.82
N GLY B 40 4.14 -9.20 0.63
CA GLY B 40 4.73 -7.95 0.22
C GLY B 40 6.13 -7.72 0.74
N ARG B 41 6.57 -8.45 1.76
CA ARG B 41 7.92 -8.31 2.26
C ARG B 41 8.90 -8.96 1.27
N GLN B 42 10.20 -8.69 1.49
CA GLN B 42 11.20 -9.05 0.49
C GLN B 42 11.41 -10.55 0.36
N ASP B 43 11.16 -11.32 1.40
CA ASP B 43 11.38 -12.75 1.38
C ASP B 43 10.07 -13.53 1.27
N TYR B 44 9.08 -12.95 0.62
CA TYR B 44 7.76 -13.55 0.55
C TYR B 44 7.63 -14.29 -0.78
N ASN B 45 7.61 -15.62 -0.70
CA ASN B 45 7.32 -16.48 -1.83
C ASN B 45 5.81 -16.67 -1.88
N ARG B 46 5.15 -16.03 -2.83
CA ARG B 46 3.70 -16.09 -2.85
C ARG B 46 3.14 -17.44 -3.33
N GLU B 47 3.88 -18.24 -4.09
CA GLU B 47 3.43 -19.62 -4.28
C GLU B 47 3.45 -20.36 -2.94
N GLU B 48 4.61 -20.38 -2.30
CA GLU B 48 4.85 -21.24 -1.15
C GLU B 48 4.27 -20.70 0.14
N ASP B 49 4.14 -19.38 0.30
CA ASP B 49 3.66 -18.87 1.57
C ASP B 49 2.16 -18.60 1.57
N ALA B 50 1.50 -18.81 0.45
CA ALA B 50 0.05 -18.73 0.35
C ALA B 50 -0.59 -20.12 0.28
N ALA B 51 0.22 -21.14 0.00
CA ALA B 51 -0.32 -22.44 -0.38
C ALA B 51 -1.25 -23.04 0.67
N LEU B 52 -0.85 -23.02 1.95
CA LEU B 52 -1.70 -23.64 2.97
C LEU B 52 -3.02 -22.89 3.09
N PHE B 53 -2.97 -21.56 3.05
CA PHE B 53 -4.18 -20.77 3.14
C PHE B 53 -5.06 -20.99 1.92
N LYS B 54 -4.46 -21.01 0.73
CA LYS B 54 -5.21 -21.35 -0.47
C LYS B 54 -5.78 -22.76 -0.38
N ALA B 55 -5.04 -23.68 0.22
CA ALA B 55 -5.53 -25.06 0.29
C ALA B 55 -6.78 -25.15 1.16
N TRP B 56 -6.85 -24.35 2.22
CA TRP B 56 -8.06 -24.35 3.05
C TRP B 56 -9.25 -23.76 2.30
N ALA B 57 -9.03 -22.68 1.55
CA ALA B 57 -10.13 -22.08 0.77
C ALA B 57 -10.58 -22.99 -0.36
N LEU B 58 -9.66 -23.77 -0.93
CA LEU B 58 -10.06 -24.75 -1.95
C LEU B 58 -10.85 -25.88 -1.30
N PHE B 59 -10.34 -26.40 -0.19
CA PHE B 59 -10.96 -27.53 0.48
C PHE B 59 -12.41 -27.24 0.85
N LYS B 60 -12.67 -26.04 1.37
CA LYS B 60 -14.01 -25.67 1.84
C LYS B 60 -14.88 -25.08 0.75
N GLY B 61 -14.41 -25.05 -0.50
CA GLY B 61 -15.20 -24.54 -1.59
C GLY B 61 -15.33 -23.04 -1.65
N LYS B 62 -14.56 -22.30 -0.84
CA LYS B 62 -14.69 -20.85 -0.89
C LYS B 62 -14.07 -20.31 -2.19
N PHE B 63 -12.93 -20.86 -2.58
CA PHE B 63 -12.23 -20.46 -3.79
C PHE B 63 -12.22 -21.61 -4.78
N ARG B 64 -12.57 -21.32 -6.03
CA ARG B 64 -12.61 -22.31 -7.09
C ARG B 64 -11.63 -21.90 -8.19
N GLU B 65 -10.57 -22.69 -8.36
CA GLU B 65 -9.53 -22.36 -9.31
C GLU B 65 -10.12 -22.17 -10.71
N GLY B 66 -9.77 -21.06 -11.34
CA GLY B 66 -10.22 -20.77 -12.68
C GLY B 66 -11.57 -20.09 -12.76
N ILE B 67 -12.35 -20.13 -11.68
CA ILE B 67 -13.66 -19.50 -11.62
C ILE B 67 -13.61 -18.20 -10.82
N ASP B 68 -12.99 -18.25 -9.65
CA ASP B 68 -12.93 -17.11 -8.74
C ASP B 68 -11.60 -16.39 -8.87
N LYS B 69 -11.64 -15.10 -8.52
CA LYS B 69 -10.44 -14.25 -8.52
C LYS B 69 -9.62 -14.55 -7.28
N PRO B 70 -8.31 -14.83 -7.42
CA PRO B 70 -7.49 -15.01 -6.23
C PRO B 70 -7.42 -13.74 -5.39
N ASP B 71 -7.53 -13.92 -4.07
CA ASP B 71 -7.41 -12.85 -3.08
C ASP B 71 -6.68 -13.44 -1.89
N PRO B 72 -5.36 -13.64 -2.02
CA PRO B 72 -4.61 -14.42 -1.02
C PRO B 72 -4.73 -13.85 0.39
N PRO B 73 -4.67 -12.53 0.57
CA PRO B 73 -4.84 -11.98 1.93
C PRO B 73 -6.12 -12.48 2.60
N THR B 74 -7.19 -12.61 1.83
CA THR B 74 -8.44 -13.19 2.34
C THR B 74 -8.26 -14.62 2.80
N TRP B 75 -7.47 -15.41 2.07
CA TRP B 75 -7.23 -16.80 2.46
C TRP B 75 -6.56 -16.87 3.83
N LYS B 76 -5.57 -16.00 4.06
CA LYS B 76 -4.89 -15.96 5.35
C LYS B 76 -5.85 -15.61 6.47
N THR B 77 -6.67 -14.57 6.27
CA THR B 77 -7.60 -14.17 7.32
C THR B 77 -8.51 -15.32 7.71
N ARG B 78 -8.96 -16.10 6.73
CA ARG B 78 -9.82 -17.23 7.05
C ARG B 78 -9.15 -18.18 8.03
N LEU B 79 -7.94 -18.63 7.70
CA LEU B 79 -7.29 -19.64 8.54
C LEU B 79 -6.91 -19.09 9.91
N ARG B 80 -6.47 -17.84 9.97
CA ARG B 80 -6.15 -17.23 11.27
C ARG B 80 -7.40 -17.21 12.16
N CYS B 81 -8.50 -16.71 11.61
CA CYS B 81 -9.73 -16.57 12.40
C CYS B 81 -10.29 -17.95 12.78
N ALA B 82 -10.19 -18.93 11.89
CA ALA B 82 -10.65 -20.27 12.24
C ALA B 82 -9.80 -20.87 13.36
N LEU B 83 -8.47 -20.69 13.28
CA LEU B 83 -7.62 -21.17 14.36
C LEU B 83 -7.94 -20.45 15.67
N ASN B 84 -8.18 -19.14 15.59
CA ASN B 84 -8.53 -18.38 16.78
C ASN B 84 -9.82 -18.90 17.40
N LYS B 85 -10.85 -19.08 16.58
CA LYS B 85 -12.13 -19.44 17.15
C LYS B 85 -12.17 -20.90 17.58
N SER B 86 -11.45 -21.77 16.87
CA SER B 86 -11.48 -23.18 17.23
C SER B 86 -10.86 -23.39 18.60
N ASN B 87 -11.55 -24.17 19.42
CA ASN B 87 -11.04 -24.62 20.72
C ASN B 87 -10.16 -25.85 20.60
N ASP B 88 -9.98 -26.37 19.39
CA ASP B 88 -9.05 -27.46 19.18
C ASP B 88 -7.63 -26.97 19.04
N PHE B 89 -7.45 -25.66 18.85
CA PHE B 89 -6.14 -25.05 18.63
C PHE B 89 -5.98 -23.86 19.56
N GLU B 90 -4.83 -23.78 20.22
CA GLU B 90 -4.51 -22.66 21.09
C GLU B 90 -3.07 -22.26 20.81
N GLU B 91 -2.86 -20.99 20.51
CA GLU B 91 -1.52 -20.51 20.20
C GLU B 91 -0.66 -20.47 21.46
N LEU B 92 0.57 -20.94 21.33
CA LEU B 92 1.59 -20.77 22.37
C LEU B 92 2.32 -19.48 22.02
N VAL B 93 1.79 -18.36 22.52
CA VAL B 93 2.25 -17.05 22.06
C VAL B 93 3.70 -16.80 22.45
N GLU B 94 4.13 -17.29 23.62
CA GLU B 94 5.50 -17.11 24.08
C GLU B 94 6.51 -17.92 23.25
N ARG B 95 6.05 -18.82 22.38
CA ARG B 95 6.93 -19.56 21.49
C ARG B 95 6.87 -19.07 20.05
N SER B 96 5.76 -18.45 19.65
CA SER B 96 5.67 -17.86 18.32
C SER B 96 6.72 -16.75 18.16
N GLN B 97 7.17 -16.55 16.91
CA GLN B 97 8.25 -15.60 16.57
C GLN B 97 7.87 -14.86 15.28
N LEU B 98 7.26 -13.71 15.42
CA LEU B 98 6.74 -12.86 14.37
C LEU B 98 7.65 -11.67 14.02
N ASP B 99 8.75 -11.51 14.75
CA ASP B 99 9.64 -10.37 14.52
C ASP B 99 10.93 -10.73 13.81
N ILE B 100 11.09 -12.00 13.38
CA ILE B 100 12.29 -12.47 12.72
C ILE B 100 12.06 -12.64 11.21
N SER B 101 13.11 -13.08 10.51
CA SER B 101 13.07 -13.19 9.04
C SER B 101 12.31 -14.41 8.58
N ASP B 102 12.27 -15.48 9.36
CA ASP B 102 11.44 -16.64 9.05
C ASP B 102 10.34 -16.75 10.08
N PRO B 103 9.34 -15.86 10.03
CA PRO B 103 8.36 -15.79 11.12
C PRO B 103 7.44 -17.00 11.12
N TYR B 104 6.90 -17.30 12.30
CA TYR B 104 6.06 -18.48 12.46
C TYR B 104 5.25 -18.35 13.74
N LYS B 105 4.11 -19.04 13.76
CA LYS B 105 3.31 -19.22 14.95
C LYS B 105 3.42 -20.67 15.42
N VAL B 106 3.19 -20.88 16.72
CA VAL B 106 3.24 -22.21 17.32
C VAL B 106 1.87 -22.50 17.92
N TYR B 107 1.33 -23.68 17.63
CA TYR B 107 -0.01 -24.05 18.07
C TYR B 107 0.04 -25.40 18.77
N ARG B 108 -0.83 -25.54 19.77
CA ARG B 108 -1.05 -26.80 20.46
C ARG B 108 -2.41 -27.33 20.06
N ILE B 109 -2.51 -28.64 19.88
CA ILE B 109 -3.77 -29.29 19.54
C ILE B 109 -4.40 -29.87 20.80
N VAL B 110 -5.65 -29.51 21.03
CA VAL B 110 -6.35 -29.95 22.25
C VAL B 110 -6.90 -31.35 22.00
N PRO B 111 -6.70 -32.31 22.92
CA PRO B 111 -7.21 -33.66 22.65
C PRO B 111 -8.72 -33.75 22.83
N ASN G 3 26.57 28.60 -6.00
CA ASN G 3 27.30 28.59 -4.74
C ASN G 3 26.33 28.32 -3.59
N GLY G 4 26.88 28.00 -2.41
CA GLY G 4 26.08 27.38 -1.37
C GLY G 4 25.13 28.34 -0.68
N LYS G 5 23.99 27.80 -0.27
CA LYS G 5 22.93 28.60 0.36
C LYS G 5 22.40 27.98 1.64
N LEU G 6 22.48 26.65 1.75
CA LEU G 6 21.77 25.97 2.83
C LEU G 6 22.34 26.33 4.19
N ARG G 7 23.66 26.40 4.32
CA ARG G 7 24.26 26.66 5.63
C ARG G 7 23.70 27.95 6.23
N GLN G 8 23.87 29.07 5.53
CA GLN G 8 23.43 30.35 6.07
C GLN G 8 21.92 30.44 6.15
N TRP G 9 21.20 29.79 5.22
CA TRP G 9 19.75 29.87 5.23
C TRP G 9 19.18 29.20 6.49
N LEU G 10 19.67 28.00 6.80
CA LEU G 10 19.14 27.27 7.94
C LEU G 10 19.52 27.97 9.24
N ILE G 11 20.72 28.55 9.32
CA ILE G 11 21.07 29.35 10.49
C ILE G 11 20.08 30.50 10.65
N ASP G 12 19.74 31.17 9.55
CA ASP G 12 18.78 32.27 9.63
C ASP G 12 17.43 31.78 10.13
N GLN G 13 17.00 30.59 9.70
CA GLN G 13 15.72 30.06 10.14
C GLN G 13 15.75 29.74 11.63
N ILE G 14 16.83 29.14 12.12
CA ILE G 14 16.94 28.88 13.56
C ILE G 14 16.92 30.19 14.34
N ASP G 15 17.77 31.14 13.92
CA ASP G 15 17.82 32.43 14.60
C ASP G 15 16.48 33.14 14.57
N SER G 16 15.71 32.96 13.50
CA SER G 16 14.46 33.71 13.34
C SER G 16 13.48 33.44 14.47
N GLY G 17 13.58 32.27 15.09
CA GLY G 17 12.59 31.88 16.07
C GLY G 17 11.20 31.67 15.49
N LYS G 18 11.09 31.62 14.16
CA LYS G 18 9.77 31.49 13.53
C LYS G 18 9.24 30.07 13.59
N TYR G 19 10.08 29.09 13.87
CA TYR G 19 9.69 27.68 13.74
C TYR G 19 9.79 27.00 15.10
N PRO G 20 8.67 26.71 15.76
CA PRO G 20 8.75 26.13 17.10
C PRO G 20 9.54 24.83 17.10
N GLY G 21 10.32 24.64 18.17
CA GLY G 21 11.16 23.47 18.31
C GLY G 21 12.44 23.50 17.53
N LEU G 22 12.61 24.42 16.59
CA LEU G 22 13.84 24.56 15.83
C LEU G 22 14.70 25.55 16.58
N VAL G 23 15.56 25.03 17.46
CA VAL G 23 16.27 25.85 18.44
C VAL G 23 17.70 25.36 18.56
N TRP G 24 18.57 26.27 18.96
CA TRP G 24 19.91 25.87 19.37
C TRP G 24 19.83 25.11 20.69
N GLU G 25 20.70 24.11 20.83
CA GLU G 25 20.80 23.39 22.08
C GLU G 25 21.92 23.93 22.93
N ASN G 26 22.78 24.77 22.35
CA ASN G 26 23.89 25.38 23.05
C ASN G 26 24.08 26.84 22.61
N GLU G 27 24.90 27.52 23.40
CA GLU G 27 25.20 28.94 23.23
C GLU G 27 25.89 29.25 21.91
N GLU G 28 26.91 28.47 21.57
CA GLU G 28 27.81 28.74 20.45
C GLU G 28 27.15 28.57 19.09
N LYS G 29 25.86 28.28 19.03
CA LYS G 29 25.15 28.17 17.77
C LYS G 29 25.88 27.19 16.84
N SER G 30 26.21 26.03 17.41
CA SER G 30 26.88 24.96 16.68
C SER G 30 26.10 23.64 16.69
N ILE G 31 25.09 23.52 17.56
CA ILE G 31 24.25 22.33 17.65
C ILE G 31 22.81 22.79 17.73
N PHE G 32 21.94 22.15 16.94
CA PHE G 32 20.54 22.57 16.99
C PHE G 32 19.65 21.32 16.86
N ARG G 33 18.47 21.50 17.38
CA ARG G 33 17.30 20.69 17.33
C ARG G 33 16.41 21.02 16.16
N ILE G 34 15.97 20.01 15.38
CA ILE G 34 15.06 20.23 14.29
C ILE G 34 13.88 19.29 14.48
N PRO G 35 12.67 19.78 14.69
CA PRO G 35 11.52 18.88 14.81
C PRO G 35 11.42 17.98 13.60
N TRP G 36 10.93 16.76 13.83
CA TRP G 36 10.87 15.74 12.80
C TRP G 36 9.65 14.86 13.10
N LYS G 37 8.47 15.39 12.82
CA LYS G 37 7.23 14.68 13.13
C LYS G 37 6.74 13.97 11.88
N HIS G 38 6.38 12.70 12.03
CA HIS G 38 5.84 11.89 10.95
C HIS G 38 4.48 12.42 10.52
N ALA G 39 4.31 12.64 9.21
CA ALA G 39 3.03 13.06 8.69
C ALA G 39 1.99 11.95 8.83
N GLY G 40 0.73 12.35 8.88
CA GLY G 40 -0.38 11.42 8.91
C GLY G 40 -0.87 11.06 10.29
N ARG G 41 -0.03 11.20 11.31
CA ARG G 41 -0.43 10.92 12.68
C ARG G 41 -1.29 12.04 13.24
N GLN G 42 -1.82 11.81 14.43
CA GLN G 42 -2.77 12.72 15.05
C GLN G 42 -2.11 13.83 15.87
N ASP G 43 -0.80 13.79 16.03
CA ASP G 43 -0.05 14.83 16.72
C ASP G 43 0.77 15.66 15.74
N TYR G 44 0.46 15.54 14.45
CA TYR G 44 1.18 16.22 13.38
C TYR G 44 0.34 17.41 12.90
N ASN G 45 0.79 18.62 13.19
CA ASN G 45 0.19 19.83 12.63
C ASN G 45 0.86 20.11 11.29
N ARG G 46 0.11 20.04 10.20
CA ARG G 46 0.78 20.23 8.91
C ARG G 46 1.15 21.68 8.63
N GLU G 47 0.43 22.66 9.17
CA GLU G 47 0.89 24.03 8.98
C GLU G 47 2.25 24.21 9.62
N GLU G 48 2.36 23.78 10.88
CA GLU G 48 3.56 24.04 11.67
C GLU G 48 4.69 23.06 11.48
N ASP G 49 4.41 21.79 11.14
CA ASP G 49 5.47 20.80 11.06
C ASP G 49 5.98 20.57 9.65
N ALA G 50 5.43 21.28 8.67
CA ALA G 50 5.89 21.26 7.30
C ALA G 50 6.48 22.61 6.90
N ALA G 51 6.31 23.63 7.74
CA ALA G 51 6.65 24.99 7.34
C ALA G 51 8.12 25.12 6.96
N LEU G 52 9.02 24.52 7.73
CA LEU G 52 10.44 24.67 7.42
C LEU G 52 10.79 23.98 6.10
N PHE G 53 10.25 22.78 5.89
CA PHE G 53 10.51 22.08 4.63
C PHE G 53 9.89 22.84 3.47
N LYS G 54 8.67 23.34 3.64
CA LYS G 54 8.05 24.17 2.62
C LYS G 54 8.89 25.43 2.37
N ALA G 55 9.48 25.98 3.42
CA ALA G 55 10.24 27.22 3.26
C ALA G 55 11.49 26.99 2.41
N TRP G 56 12.15 25.84 2.57
CA TRP G 56 13.32 25.55 1.75
C TRP G 56 12.93 25.35 0.29
N ALA G 57 11.84 24.64 0.03
CA ALA G 57 11.38 24.45 -1.34
C ALA G 57 10.93 25.76 -1.96
N LEU G 58 10.41 26.69 -1.14
CA LEU G 58 10.08 28.03 -1.64
C LEU G 58 11.33 28.84 -1.92
N PHE G 59 12.28 28.83 -0.97
CA PHE G 59 13.50 29.61 -1.12
C PHE G 59 14.23 29.27 -2.41
N LYS G 60 14.33 27.97 -2.71
CA LYS G 60 15.08 27.49 -3.86
C LYS G 60 14.26 27.44 -5.14
N GLY G 61 13.01 27.88 -5.12
CA GLY G 61 12.20 27.88 -6.32
C GLY G 61 11.65 26.54 -6.75
N LYS G 62 11.76 25.50 -5.92
CA LYS G 62 11.21 24.21 -6.34
C LYS G 62 9.69 24.22 -6.29
N PHE G 63 9.12 24.85 -5.26
CA PHE G 63 7.68 24.95 -5.11
C PHE G 63 7.26 26.41 -5.20
N ARG G 64 6.24 26.67 -6.02
CA ARG G 64 5.72 28.00 -6.22
C ARG G 64 4.26 28.01 -5.79
N GLU G 65 3.97 28.74 -4.71
CA GLU G 65 2.62 28.76 -4.17
C GLU G 65 1.64 29.19 -5.25
N GLY G 66 0.54 28.44 -5.37
CA GLY G 66 -0.51 28.76 -6.31
C GLY G 66 -0.34 28.19 -7.70
N ILE G 67 0.87 27.78 -8.05
CA ILE G 67 1.15 27.18 -9.35
C ILE G 67 1.33 25.68 -9.24
N ASP G 68 2.10 25.25 -8.25
CA ASP G 68 2.45 23.84 -8.04
C ASP G 68 1.54 23.21 -6.99
N LYS G 69 1.37 21.90 -7.11
CA LYS G 69 0.58 21.18 -6.12
C LYS G 69 1.42 20.94 -4.87
N PRO G 70 0.91 21.25 -3.68
CA PRO G 70 1.67 20.96 -2.46
C PRO G 70 1.96 19.47 -2.32
N ASP G 71 3.20 19.16 -1.94
CA ASP G 71 3.64 17.78 -1.69
C ASP G 71 4.61 17.77 -0.51
N PRO G 72 4.10 17.85 0.71
CA PRO G 72 4.97 18.03 1.88
C PRO G 72 6.01 16.93 2.00
N PRO G 73 5.67 15.66 1.77
CA PRO G 73 6.71 14.62 1.89
C PRO G 73 7.93 14.89 1.00
N THR G 74 7.74 15.38 -0.22
CA THR G 74 8.88 15.74 -1.04
C THR G 74 9.71 16.85 -0.38
N TRP G 75 9.04 17.83 0.21
CA TRP G 75 9.76 18.90 0.89
C TRP G 75 10.63 18.34 2.01
N LYS G 76 10.11 17.39 2.77
CA LYS G 76 10.88 16.76 3.85
C LYS G 76 12.09 16.05 3.27
N THR G 77 11.88 15.21 2.25
CA THR G 77 12.97 14.46 1.66
C THR G 77 14.07 15.38 1.15
N ARG G 78 13.69 16.52 0.58
CA ARG G 78 14.69 17.44 0.05
C ARG G 78 15.66 17.85 1.14
N LEU G 79 15.15 18.37 2.26
CA LEU G 79 16.03 18.90 3.30
C LEU G 79 16.80 17.78 3.99
N ARG G 80 16.16 16.62 4.22
CA ARG G 80 16.85 15.50 4.82
C ARG G 80 18.06 15.10 3.98
N CYS G 81 17.86 14.95 2.68
CA CYS G 81 18.95 14.56 1.79
C CYS G 81 19.99 15.66 1.68
N ALA G 82 19.56 16.92 1.65
CA ALA G 82 20.51 18.03 1.59
C ALA G 82 21.39 18.06 2.84
N LEU G 83 20.79 17.83 4.01
CA LEU G 83 21.57 17.81 5.25
C LEU G 83 22.58 16.66 5.25
N ASN G 84 22.15 15.47 4.82
CA ASN G 84 23.07 14.33 4.77
C ASN G 84 24.23 14.61 3.84
N LYS G 85 23.94 15.16 2.65
CA LYS G 85 24.96 15.35 1.63
C LYS G 85 25.89 16.51 1.99
N SER G 86 25.37 17.54 2.64
CA SER G 86 26.19 18.70 2.96
C SER G 86 27.29 18.30 3.94
N ASN G 87 28.50 18.76 3.68
CA ASN G 87 29.61 18.60 4.62
C ASN G 87 29.60 19.68 5.70
N ASP G 88 28.66 20.62 5.63
CA ASP G 88 28.51 21.64 6.67
C ASP G 88 27.68 21.14 7.85
N PHE G 89 27.01 19.99 7.72
CA PHE G 89 26.12 19.48 8.74
C PHE G 89 26.36 18.00 9.02
N GLU G 90 26.35 17.63 10.31
CA GLU G 90 26.50 16.24 10.74
C GLU G 90 25.48 15.91 11.81
N GLU G 91 24.72 14.85 11.58
CA GLU G 91 23.71 14.40 12.55
C GLU G 91 24.38 13.76 13.76
N LEU G 92 23.92 14.11 14.95
CA LEU G 92 24.32 13.44 16.19
C LEU G 92 23.30 12.35 16.48
N VAL G 93 23.54 11.17 15.92
CA VAL G 93 22.55 10.10 15.97
C VAL G 93 22.31 9.69 17.43
N GLU G 94 23.38 9.71 18.24
CA GLU G 94 23.23 9.39 19.65
C GLU G 94 22.44 10.45 20.41
N ARG G 95 22.18 11.60 19.78
CA ARG G 95 21.37 12.65 20.38
C ARG G 95 19.96 12.72 19.80
N SER G 96 19.78 12.33 18.54
CA SER G 96 18.45 12.28 17.94
C SER G 96 17.59 11.24 18.65
N GLN G 97 16.28 11.48 18.64
CA GLN G 97 15.30 10.60 19.30
C GLN G 97 14.11 10.52 18.34
N LEU G 98 14.13 9.52 17.47
CA LEU G 98 13.10 9.37 16.44
C LEU G 98 11.96 8.45 16.83
N ASP G 99 12.04 7.78 17.98
CA ASP G 99 11.03 6.80 18.37
C ASP G 99 10.06 7.33 19.43
N ILE G 100 10.15 8.61 19.77
CA ILE G 100 9.33 9.17 20.83
C ILE G 100 8.15 9.93 20.26
N SER G 101 7.31 10.47 21.14
CA SER G 101 6.10 11.17 20.72
C SER G 101 6.40 12.57 20.20
N ASP G 102 7.47 13.19 20.68
CA ASP G 102 7.93 14.47 20.17
C ASP G 102 9.28 14.30 19.48
N PRO G 103 9.31 13.66 18.32
CA PRO G 103 10.58 13.26 17.71
C PRO G 103 11.33 14.44 17.12
N TYR G 104 12.64 14.26 17.00
CA TYR G 104 13.52 15.31 16.51
C TYR G 104 14.86 14.69 16.11
N LYS G 105 15.57 15.40 15.22
CA LYS G 105 16.97 15.10 14.92
C LYS G 105 17.83 16.21 15.49
N VAL G 106 19.09 15.89 15.77
CA VAL G 106 20.04 16.84 16.34
C VAL G 106 21.20 16.97 15.38
N TYR G 107 21.54 18.20 15.03
CA TYR G 107 22.56 18.46 14.03
C TYR G 107 23.61 19.43 14.50
N ARG G 108 24.76 19.25 13.90
CA ARG G 108 25.98 20.01 14.11
C ARG G 108 26.38 20.79 12.89
N ILE G 109 26.90 22.00 13.12
CA ILE G 109 27.42 22.84 12.06
C ILE G 109 28.94 22.79 12.08
N VAL G 110 29.53 22.45 10.93
CA VAL G 110 30.98 22.36 10.79
C VAL G 110 31.43 23.80 10.57
N PRO G 111 32.53 24.25 11.16
CA PRO G 111 32.95 25.65 10.95
C PRO G 111 33.59 25.88 9.59
N ASN H 3 36.05 23.73 -35.54
CA ASN H 3 35.54 22.39 -35.82
C ASN H 3 35.81 21.43 -34.67
N GLY H 4 34.74 20.96 -34.04
CA GLY H 4 34.80 20.07 -32.90
C GLY H 4 34.84 18.61 -33.28
N LYS H 5 34.30 17.76 -32.40
CA LYS H 5 34.32 16.32 -32.63
C LYS H 5 32.96 15.66 -32.39
N LEU H 6 32.15 16.22 -31.49
CA LEU H 6 30.94 15.52 -31.06
C LEU H 6 29.90 15.46 -32.17
N ARG H 7 29.75 16.55 -32.93
CA ARG H 7 28.70 16.61 -33.94
C ARG H 7 28.80 15.42 -34.89
N GLN H 8 29.93 15.27 -35.57
CA GLN H 8 30.08 14.19 -36.54
C GLN H 8 30.12 12.83 -35.87
N TRP H 9 30.65 12.75 -34.65
CA TRP H 9 30.72 11.46 -33.96
C TRP H 9 29.32 10.94 -33.66
N LEU H 10 28.47 11.79 -33.09
CA LEU H 10 27.13 11.35 -32.72
C LEU H 10 26.30 11.03 -33.96
N ILE H 11 26.51 11.79 -35.04
CA ILE H 11 25.83 11.50 -36.31
C ILE H 11 26.18 10.09 -36.78
N ASP H 12 27.47 9.72 -36.71
CA ASP H 12 27.86 8.38 -37.12
C ASP H 12 27.22 7.31 -36.25
N GLN H 13 27.13 7.56 -34.94
CA GLN H 13 26.56 6.55 -34.05
C GLN H 13 25.09 6.30 -34.39
N ILE H 14 24.33 7.37 -34.61
CA ILE H 14 22.93 7.23 -35.01
C ILE H 14 22.85 6.48 -36.34
N ASP H 15 23.65 6.92 -37.32
CA ASP H 15 23.65 6.28 -38.63
C ASP H 15 23.99 4.79 -38.53
N SER H 16 24.90 4.44 -37.61
CA SER H 16 25.37 3.05 -37.54
C SER H 16 24.24 2.09 -37.22
N GLY H 17 23.22 2.54 -36.50
CA GLY H 17 22.21 1.62 -36.02
C GLY H 17 22.69 0.66 -34.97
N LYS H 18 23.88 0.91 -34.40
CA LYS H 18 24.47 0.01 -33.41
C LYS H 18 23.88 0.18 -32.02
N TYR H 19 23.15 1.26 -31.76
CA TYR H 19 22.70 1.58 -30.40
C TYR H 19 21.18 1.57 -30.36
N PRO H 20 20.54 0.57 -29.75
CA PRO H 20 19.08 0.52 -29.77
C PRO H 20 18.49 1.80 -29.18
N GLY H 21 17.42 2.27 -29.82
CA GLY H 21 16.76 3.50 -29.42
C GLY H 21 17.42 4.78 -29.88
N LEU H 22 18.64 4.72 -30.39
CA LEU H 22 19.34 5.90 -30.91
C LEU H 22 18.98 5.97 -32.38
N VAL H 23 17.95 6.75 -32.70
CA VAL H 23 17.35 6.71 -34.03
C VAL H 23 16.95 8.09 -34.51
N TRP H 24 16.95 8.26 -35.82
CA TRP H 24 16.39 9.45 -36.44
C TRP H 24 14.88 9.45 -36.34
N GLU H 25 14.31 10.64 -36.17
CA GLU H 25 12.86 10.79 -36.12
C GLU H 25 12.27 11.23 -37.45
N ASN H 26 13.09 11.72 -38.38
CA ASN H 26 12.59 12.17 -39.67
C ASN H 26 13.52 11.71 -40.78
N GLU H 27 12.98 11.73 -42.01
CA GLU H 27 13.76 11.36 -43.18
C GLU H 27 14.93 12.30 -43.37
N GLU H 28 14.76 13.58 -43.02
CA GLU H 28 15.80 14.56 -43.24
C GLU H 28 17.02 14.33 -42.35
N LYS H 29 16.99 13.34 -41.45
CA LYS H 29 18.11 13.01 -40.59
C LYS H 29 18.65 14.24 -39.87
N SER H 30 17.72 15.02 -39.27
CA SER H 30 18.09 16.20 -38.52
C SER H 30 17.58 16.19 -37.07
N ILE H 31 16.70 15.26 -36.71
CA ILE H 31 16.15 15.16 -35.37
C ILE H 31 16.22 13.72 -34.94
N PHE H 32 16.69 13.48 -33.70
CA PHE H 32 16.88 12.12 -33.24
C PHE H 32 16.50 11.97 -31.77
N ARG H 33 16.23 10.72 -31.41
CA ARG H 33 16.04 10.31 -30.03
C ARG H 33 17.30 9.65 -29.48
N ILE H 34 17.62 9.94 -28.22
CA ILE H 34 18.69 9.30 -27.52
C ILE H 34 18.11 8.73 -26.23
N PRO H 35 18.09 7.43 -26.01
CA PRO H 35 17.52 6.88 -24.77
C PRO H 35 18.16 7.51 -23.54
N TRP H 36 17.35 7.73 -22.50
CA TRP H 36 17.79 8.45 -21.33
C TRP H 36 17.03 7.90 -20.12
N LYS H 37 17.47 6.73 -19.68
CA LYS H 37 16.89 6.06 -18.52
C LYS H 37 17.79 6.18 -17.31
N HIS H 38 17.18 6.43 -16.16
CA HIS H 38 17.91 6.44 -14.90
C HIS H 38 18.45 5.04 -14.61
N ALA H 39 19.71 4.98 -14.23
CA ALA H 39 20.34 3.72 -13.87
C ALA H 39 19.76 3.16 -12.58
N GLY H 40 19.90 1.83 -12.43
CA GLY H 40 19.60 1.17 -11.18
C GLY H 40 20.84 1.12 -10.31
N ARG H 41 20.69 0.52 -9.14
CA ARG H 41 21.84 0.39 -8.24
C ARG H 41 22.77 -0.68 -8.80
N GLN H 42 23.93 -0.25 -9.30
CA GLN H 42 24.87 -1.14 -9.97
C GLN H 42 24.32 -1.79 -11.23
N ASP H 43 23.09 -1.44 -11.62
CA ASP H 43 22.48 -1.99 -12.83
C ASP H 43 22.41 -0.88 -13.88
N TYR H 44 23.36 -0.90 -14.82
CA TYR H 44 23.43 0.05 -15.92
C TYR H 44 22.96 -0.51 -17.24
N ASN H 45 22.67 -1.82 -17.31
CA ASN H 45 22.23 -2.41 -18.56
C ASN H 45 20.75 -2.22 -18.83
N ARG H 46 19.99 -1.69 -17.88
CA ARG H 46 18.61 -1.35 -18.17
C ARG H 46 18.56 -0.16 -19.10
N GLU H 47 19.59 0.69 -19.07
CA GLU H 47 19.80 1.72 -20.07
C GLU H 47 20.17 1.07 -21.40
N GLU H 48 19.30 1.20 -22.41
CA GLU H 48 19.55 0.47 -23.64
C GLU H 48 20.70 1.08 -24.43
N ASP H 49 21.04 2.35 -24.16
CA ASP H 49 22.17 3.01 -24.78
C ASP H 49 23.38 3.12 -23.85
N ALA H 50 23.41 2.34 -22.77
CA ALA H 50 24.58 2.31 -21.87
C ALA H 50 25.90 2.27 -22.66
N ALA H 51 25.92 1.51 -23.75
CA ALA H 51 27.15 1.37 -24.54
C ALA H 51 27.57 2.70 -25.14
N LEU H 52 26.60 3.55 -25.47
CA LEU H 52 26.90 4.82 -26.11
C LEU H 52 27.75 5.71 -25.20
N PHE H 53 27.48 5.70 -23.90
CA PHE H 53 28.29 6.49 -22.99
C PHE H 53 29.72 5.96 -22.91
N LYS H 54 29.87 4.63 -22.88
CA LYS H 54 31.21 4.05 -22.92
C LYS H 54 31.94 4.40 -24.21
N ALA H 55 31.22 4.46 -25.34
CA ALA H 55 31.87 4.71 -26.62
C ALA H 55 32.43 6.13 -26.69
N TRP H 56 31.70 7.12 -26.14
CA TRP H 56 32.21 8.48 -26.11
C TRP H 56 33.46 8.56 -25.25
N ALA H 57 33.48 7.81 -24.15
CA ALA H 57 34.66 7.77 -23.30
C ALA H 57 35.83 7.07 -23.98
N LEU H 58 35.56 6.07 -24.83
CA LEU H 58 36.66 5.44 -25.58
C LEU H 58 37.18 6.39 -26.65
N PHE H 59 36.26 7.02 -27.38
CA PHE H 59 36.63 7.90 -28.48
C PHE H 59 37.57 9.00 -28.02
N LYS H 60 37.27 9.63 -26.88
CA LYS H 60 38.05 10.75 -26.37
C LYS H 60 39.22 10.33 -25.50
N GLY H 61 39.48 9.02 -25.38
CA GLY H 61 40.61 8.57 -24.60
C GLY H 61 40.42 8.61 -23.10
N LYS H 62 39.21 8.87 -22.61
CA LYS H 62 38.99 8.92 -21.18
C LYS H 62 38.95 7.54 -20.53
N PHE H 63 38.44 6.52 -21.22
CA PHE H 63 38.44 5.14 -20.71
C PHE H 63 39.26 4.19 -21.61
N ARG H 64 40.14 3.35 -20.97
CA ARG H 64 41.08 2.42 -21.53
C ARG H 64 40.76 1.03 -20.93
N GLU H 65 40.08 0.16 -21.72
CA GLU H 65 39.64 -1.13 -21.20
C GLU H 65 40.81 -1.88 -20.60
N GLY H 66 40.62 -2.41 -19.40
CA GLY H 66 41.63 -3.18 -18.71
C GLY H 66 42.60 -2.34 -17.92
N ILE H 67 42.69 -1.05 -18.22
CA ILE H 67 43.59 -0.14 -17.53
C ILE H 67 42.83 0.74 -16.55
N ASP H 68 41.74 1.34 -17.01
CA ASP H 68 40.94 2.23 -16.18
C ASP H 68 39.75 1.46 -15.62
N LYS H 69 39.27 1.87 -14.46
CA LYS H 69 38.10 1.23 -13.89
C LYS H 69 36.82 1.81 -14.47
N PRO H 70 35.85 0.97 -14.84
CA PRO H 70 34.59 1.49 -15.40
C PRO H 70 33.91 2.45 -14.42
N ASP H 71 33.38 3.54 -14.98
CA ASP H 71 32.66 4.57 -14.24
C ASP H 71 31.50 5.06 -15.09
N PRO H 72 30.46 4.25 -15.26
CA PRO H 72 29.37 4.59 -16.20
C PRO H 72 28.66 5.88 -15.84
N PRO H 73 28.36 6.12 -14.56
CA PRO H 73 27.66 7.38 -14.24
C PRO H 73 28.41 8.60 -14.72
N THR H 74 29.72 8.63 -14.53
CA THR H 74 30.53 9.73 -15.04
C THR H 74 30.41 9.83 -16.55
N TRP H 75 30.40 8.69 -17.24
CA TRP H 75 30.28 8.71 -18.70
C TRP H 75 29.00 9.41 -19.12
N LYS H 76 27.91 9.16 -18.41
CA LYS H 76 26.65 9.83 -18.71
C LYS H 76 26.80 11.35 -18.58
N THR H 77 27.39 11.80 -17.47
CA THR H 77 27.52 13.25 -17.26
C THR H 77 28.31 13.91 -18.39
N ARG H 78 29.36 13.23 -18.89
CA ARG H 78 30.17 13.80 -19.97
C ARG H 78 29.32 14.08 -21.20
N LEU H 79 28.56 13.09 -21.66
CA LEU H 79 27.76 13.28 -22.86
C LEU H 79 26.64 14.29 -22.63
N ARG H 80 26.02 14.27 -21.45
CA ARG H 80 24.99 15.25 -21.14
C ARG H 80 25.54 16.67 -21.19
N CYS H 81 26.66 16.90 -20.50
CA CYS H 81 27.21 18.26 -20.44
C CYS H 81 27.72 18.70 -21.81
N ALA H 82 28.28 17.76 -22.59
CA ALA H 82 28.72 18.11 -23.93
C ALA H 82 27.56 18.54 -24.80
N LEU H 83 26.44 17.80 -24.74
CA LEU H 83 25.27 18.18 -25.52
C LEU H 83 24.71 19.52 -25.05
N ASN H 84 24.70 19.75 -23.74
CA ASN H 84 24.17 21.03 -23.22
C ASN H 84 24.93 22.21 -23.80
N LYS H 85 26.25 22.15 -23.74
CA LYS H 85 27.10 23.26 -24.16
C LYS H 85 27.21 23.34 -25.68
N SER H 86 27.06 22.22 -26.38
CA SER H 86 27.23 22.24 -27.82
C SER H 86 26.18 23.11 -28.49
N ASN H 87 26.63 23.95 -29.41
CA ASN H 87 25.76 24.74 -30.27
C ASN H 87 25.30 23.97 -31.51
N ASP H 88 25.79 22.75 -31.70
CA ASP H 88 25.34 21.90 -32.79
C ASP H 88 24.11 21.09 -32.44
N PHE H 89 23.71 21.09 -31.17
CA PHE H 89 22.56 20.31 -30.70
C PHE H 89 21.62 21.19 -29.90
N GLU H 90 20.32 21.04 -30.16
CA GLU H 90 19.28 21.81 -29.48
C GLU H 90 18.27 20.79 -29.01
N GLU H 91 18.03 20.73 -27.70
CA GLU H 91 17.04 19.80 -27.21
C GLU H 91 15.66 20.33 -27.59
N LEU H 92 14.84 19.47 -28.19
CA LEU H 92 13.45 19.80 -28.42
C LEU H 92 12.71 19.31 -27.18
N VAL H 93 12.71 20.18 -26.17
CA VAL H 93 12.25 19.78 -24.83
C VAL H 93 10.78 19.39 -24.88
N GLU H 94 10.01 20.04 -25.75
CA GLU H 94 8.59 19.72 -25.89
C GLU H 94 8.35 18.33 -26.49
N ARG H 95 9.39 17.68 -27.02
CA ARG H 95 9.27 16.33 -27.54
C ARG H 95 9.89 15.27 -26.63
N SER H 96 10.86 15.65 -25.79
CA SER H 96 11.53 14.70 -24.93
C SER H 96 10.52 13.96 -24.04
N GLN H 97 10.90 12.74 -23.66
CA GLN H 97 10.05 11.79 -22.94
C GLN H 97 10.84 11.12 -21.84
N LEU H 98 10.90 11.72 -20.66
CA LEU H 98 11.71 11.16 -19.61
C LEU H 98 10.93 10.27 -18.65
N ASP H 99 9.61 10.28 -18.72
CA ASP H 99 8.77 9.59 -17.75
C ASP H 99 7.98 8.41 -18.34
N ILE H 100 8.33 7.97 -19.55
CA ILE H 100 7.67 6.82 -20.17
C ILE H 100 8.51 5.59 -19.87
N SER H 101 8.10 4.43 -20.40
CA SER H 101 8.77 3.19 -20.03
C SER H 101 10.13 3.01 -20.72
N ASP H 102 10.26 3.46 -21.97
CA ASP H 102 11.55 3.48 -22.66
C ASP H 102 11.90 4.94 -22.94
N PRO H 103 12.29 5.69 -21.90
CA PRO H 103 12.40 7.14 -22.03
C PRO H 103 13.58 7.57 -22.89
N TYR H 104 13.48 8.79 -23.40
CA TYR H 104 14.46 9.33 -24.32
C TYR H 104 14.34 10.85 -24.36
N LYS H 105 15.41 11.50 -24.80
CA LYS H 105 15.42 12.92 -25.12
C LYS H 105 15.48 13.12 -26.61
N VAL H 106 15.04 14.28 -27.08
CA VAL H 106 14.99 14.60 -28.50
C VAL H 106 15.89 15.79 -28.78
N TYR H 107 16.74 15.65 -29.79
CA TYR H 107 17.68 16.70 -30.17
C TYR H 107 17.56 16.97 -31.66
N ARG H 108 17.74 18.24 -32.03
CA ARG H 108 17.83 18.69 -33.40
C ARG H 108 19.27 19.07 -33.66
N ILE H 109 19.76 18.77 -34.86
CA ILE H 109 21.10 19.16 -35.27
C ILE H 109 20.91 20.43 -36.09
N VAL H 110 21.57 21.50 -35.67
CA VAL H 110 21.22 22.82 -36.18
C VAL H 110 21.90 23.19 -37.49
N PRO H 111 23.23 23.29 -37.60
CA PRO H 111 23.54 23.78 -38.95
C PRO H 111 23.39 22.68 -39.99
#